data_5P96
#
_entry.id   5P96
#
_cell.length_a   49.870
_cell.length_b   54.267
_cell.length_c   81.075
_cell.angle_alpha   90.000
_cell.angle_beta   90.000
_cell.angle_gamma   90.000
#
_symmetry.space_group_name_H-M   'P 21 21 21'
#
loop_
_entity.id
_entity.type
_entity.pdbx_description
1 polymer 'Catechol O-methyltransferase'
2 non-polymer 'MAGNESIUM ION'
3 non-polymer N-[5-(2-aminopurin-9-yl)pentyl]-5-(4-fluorophenyl)-2,3-dihydroxybenzamide
4 non-polymer (4S,5S)-1,2-DITHIANE-4,5-DIOL
5 non-polymer '2-[N-CYCLOHEXYLAMINO]ETHANE SULFONIC ACID'
6 non-polymer 'CHLORIDE ION'
7 non-polymer 'SULFATE ION'
8 water water
#
_entity_poly.entity_id   1
_entity_poly.type   'polypeptide(L)'
_entity_poly.pdbx_seq_one_letter_code
;MGDTKEQRILRYVQQNAKPGDPQSVLEAIDTYCTQKEWAMNVGDAKGQIMDAVIREYSPSLVLELGAYCGYSAVRMARLL
QPGARLLTMEMNPDYAAITQQMLNFAGLQDKVTILNGASQDLIPQLKKKYDVDTLDMVFLDHWKDRYLPDTLLLEKCGLL
RKGTVLLADNVIVPGTPDFLAYVRGSSSFECTHYSSYLEYMKVVDGLEKAIYQGPSSPDKS
;
_entity_poly.pdbx_strand_id   A
#
loop_
_chem_comp.id
_chem_comp.type
_chem_comp.name
_chem_comp.formula
77H non-polymer N-[5-(2-aminopurin-9-yl)pentyl]-5-(4-fluorophenyl)-2,3-dihydroxybenzamide 'C23 H23 F N6 O3'
CL non-polymer 'CHLORIDE ION' 'Cl -1'
D1D non-polymer (4S,5S)-1,2-DITHIANE-4,5-DIOL 'C4 H8 O2 S2'
MG non-polymer 'MAGNESIUM ION' 'Mg 2'
NHE non-polymer '2-[N-CYCLOHEXYLAMINO]ETHANE SULFONIC ACID' 'C8 H17 N O3 S'
SO4 non-polymer 'SULFATE ION' 'O4 S -2'
#
# COMPACT_ATOMS: atom_id res chain seq x y z
N ASP A 3 19.61 6.81 16.76
CA ASP A 3 18.31 6.47 16.16
C ASP A 3 18.40 5.80 14.78
N THR A 4 17.24 5.41 14.26
CA THR A 4 17.12 4.77 12.95
C THR A 4 16.70 5.77 11.85
N LYS A 5 16.90 5.37 10.61
CA LYS A 5 16.46 6.14 9.47
C LYS A 5 14.96 6.44 9.53
N GLU A 6 14.16 5.47 9.98
CA GLU A 6 12.73 5.65 10.05
C GLU A 6 12.35 6.67 11.11
N GLN A 7 13.04 6.65 12.25
CA GLN A 7 12.85 7.67 13.27
C GLN A 7 13.27 9.04 12.76
N ARG A 8 14.33 9.10 11.97
CA ARG A 8 14.75 10.39 11.40
C ARG A 8 13.73 10.92 10.42
N ILE A 9 13.10 10.04 9.62
CA ILE A 9 12.06 10.46 8.68
C ILE A 9 10.87 11.03 9.47
N LEU A 10 10.44 10.32 10.52
CA LEU A 10 9.32 10.79 11.31
C LEU A 10 9.62 12.14 11.95
N ARG A 11 10.80 12.28 12.56
CA ARG A 11 11.13 13.54 13.19
C ARG A 11 11.15 14.66 12.14
N TYR A 12 11.67 14.38 10.96
CA TYR A 12 11.71 15.37 9.91
C TYR A 12 10.30 15.81 9.54
N VAL A 13 9.38 14.87 9.40
CA VAL A 13 8.00 15.23 9.12
C VAL A 13 7.45 16.13 10.26
N GLN A 14 7.64 15.70 11.48
CA GLN A 14 7.10 16.44 12.63
C GLN A 14 7.61 17.89 12.66
N GLN A 15 8.82 18.13 12.15
CA GLN A 15 9.47 19.43 12.26
C GLN A 15 9.42 20.24 10.96
N ASN A 16 8.89 19.66 9.87
CA ASN A 16 8.86 20.32 8.58
C ASN A 16 7.55 20.22 7.79
N ALA A 17 6.55 19.56 8.36
CA ALA A 17 5.23 19.46 7.78
C ALA A 17 4.25 20.15 8.75
N LYS A 18 3.02 20.32 8.32
CA LYS A 18 1.97 20.93 9.15
C LYS A 18 1.06 19.84 9.69
N PRO A 19 0.85 19.79 11.02
CA PRO A 19 -0.06 18.80 11.54
C PRO A 19 -1.42 18.89 10.90
N GLY A 20 -1.96 17.72 10.57
CA GLY A 20 -3.26 17.60 9.95
C GLY A 20 -3.27 17.89 8.47
N ASP A 21 -2.11 18.02 7.84
CA ASP A 21 -2.03 18.34 6.41
C ASP A 21 -1.27 17.17 5.74
N PRO A 22 -2.03 16.19 5.23
CA PRO A 22 -1.37 15.01 4.60
C PRO A 22 -0.43 15.35 3.45
N GLN A 23 -0.81 16.29 2.60
CA GLN A 23 0.03 16.64 1.48
C GLN A 23 1.39 17.15 1.97
N SER A 24 1.42 17.97 3.05
CA SER A 24 2.70 18.45 3.58
C SER A 24 3.53 17.28 4.09
N VAL A 25 2.87 16.28 4.68
CA VAL A 25 3.56 15.09 5.16
C VAL A 25 4.25 14.34 4.02
N LEU A 26 3.54 14.13 2.92
CA LEU A 26 4.12 13.46 1.76
C LEU A 26 5.31 14.24 1.23
N GLU A 27 5.15 15.57 1.13
CA GLU A 27 6.22 16.39 0.59
C GLU A 27 7.47 16.36 1.47
N ALA A 28 7.26 16.35 2.80
CA ALA A 28 8.37 16.31 3.74
C ALA A 28 9.10 14.97 3.61
N ILE A 29 8.36 13.87 3.50
CA ILE A 29 9.02 12.58 3.37
C ILE A 29 9.83 12.55 2.07
N ASP A 30 9.21 12.98 0.98
CA ASP A 30 9.90 12.96 -0.29
C ASP A 30 11.16 13.85 -0.32
N THR A 31 11.07 15.02 0.30
CA THR A 31 12.24 15.89 0.42
C THR A 31 13.35 15.23 1.22
N TYR A 32 13.00 14.65 2.36
CA TYR A 32 14.01 13.99 3.19
C TYR A 32 14.68 12.87 2.39
N CYS A 33 13.88 12.07 1.71
CA CYS A 33 14.42 10.91 1.03
C CYS A 33 15.17 11.21 -0.25
N THR A 34 14.91 12.37 -0.81
CA THR A 34 15.68 12.87 -1.94
C THR A 34 17.00 13.53 -1.52
N GLN A 35 16.95 14.33 -0.46
CA GLN A 35 18.09 15.17 -0.08
C GLN A 35 18.98 14.55 0.98
N LYS A 36 18.46 13.60 1.77
CA LYS A 36 19.18 13.06 2.93
C LYS A 36 19.46 11.57 2.87
N GLU A 37 18.44 10.75 2.89
CA GLU A 37 18.61 9.28 2.94
C GLU A 37 17.48 8.63 2.15
N TRP A 38 17.84 7.81 1.17
CA TRP A 38 16.86 7.00 0.44
C TRP A 38 16.10 6.12 1.39
N ALA A 39 14.82 5.90 1.13
CA ALA A 39 14.04 4.93 1.86
C ALA A 39 12.97 4.34 0.95
N MET A 40 12.50 3.15 1.25
CA MET A 40 11.60 2.38 0.41
C MET A 40 10.13 2.79 0.47
N ASN A 41 9.87 4.10 0.51
CA ASN A 41 8.50 4.61 0.38
C ASN A 41 8.15 4.48 -1.10
N VAL A 42 6.86 4.42 -1.45
CA VAL A 42 6.49 4.28 -2.87
CA VAL A 42 6.51 4.30 -2.87
C VAL A 42 6.99 5.49 -3.70
N GLY A 43 7.09 6.66 -3.09
CA GLY A 43 7.61 7.88 -3.72
C GLY A 43 6.57 8.60 -4.54
N ASP A 44 6.94 9.77 -5.02
CA ASP A 44 6.01 10.62 -5.72
C ASP A 44 5.70 10.15 -7.15
N ALA A 45 6.65 9.56 -7.85
CA ALA A 45 6.37 9.13 -9.25
C ALA A 45 5.30 8.05 -9.27
N LYS A 46 5.53 6.97 -8.56
CA LYS A 46 4.55 5.91 -8.49
C LYS A 46 3.36 6.36 -7.66
N GLY A 47 3.57 7.24 -6.68
CA GLY A 47 2.49 7.75 -5.87
C GLY A 47 1.44 8.49 -6.70
N GLN A 48 1.89 9.21 -7.72
CA GLN A 48 0.91 9.92 -8.57
C GLN A 48 0.02 8.92 -9.31
N ILE A 49 0.58 7.77 -9.69
CA ILE A 49 -0.22 6.73 -10.38
C ILE A 49 -1.20 6.12 -9.37
N MET A 50 -0.72 5.83 -8.15
CA MET A 50 -1.60 5.38 -7.08
CA MET A 50 -1.57 5.36 -7.09
C MET A 50 -2.76 6.33 -6.88
N ASP A 51 -2.49 7.63 -6.82
CA ASP A 51 -3.54 8.63 -6.61
C ASP A 51 -4.60 8.50 -7.72
N ALA A 52 -4.13 8.36 -8.96
CA ALA A 52 -5.07 8.28 -10.10
C ALA A 52 -5.98 7.04 -9.98
N VAL A 53 -5.39 5.94 -9.54
CA VAL A 53 -6.13 4.69 -9.34
C VAL A 53 -7.14 4.82 -8.21
N ILE A 54 -6.71 5.36 -7.07
CA ILE A 54 -7.61 5.57 -5.95
C ILE A 54 -8.80 6.45 -6.38
N ARG A 55 -8.53 7.52 -7.10
CA ARG A 55 -9.58 8.42 -7.50
C ARG A 55 -10.54 7.74 -8.47
N GLU A 56 -10.05 6.87 -9.34
CA GLU A 56 -10.90 6.19 -10.30
C GLU A 56 -11.89 5.28 -9.58
N TYR A 57 -11.43 4.53 -8.59
CA TYR A 57 -12.24 3.49 -7.95
C TYR A 57 -12.96 3.93 -6.66
N SER A 58 -12.49 5.00 -6.00
CA SER A 58 -13.09 5.45 -4.74
C SER A 58 -13.42 4.28 -3.81
N PRO A 59 -12.40 3.46 -3.47
CA PRO A 59 -12.70 2.29 -2.68
C PRO A 59 -13.16 2.63 -1.28
N SER A 60 -14.10 1.84 -0.78
CA SER A 60 -14.58 1.99 0.60
C SER A 60 -13.74 1.28 1.64
N LEU A 61 -13.08 0.17 1.25
CA LEU A 61 -12.28 -0.62 2.15
C LEU A 61 -11.03 -1.07 1.37
N VAL A 62 -9.89 -0.60 1.83
CA VAL A 62 -8.60 -0.90 1.25
C VAL A 62 -7.78 -1.70 2.25
N LEU A 63 -7.05 -2.69 1.77
CA LEU A 63 -6.03 -3.42 2.57
C LEU A 63 -4.67 -3.08 1.96
N GLU A 64 -3.72 -2.67 2.79
CA GLU A 64 -2.31 -2.53 2.44
C GLU A 64 -1.47 -3.57 3.13
N LEU A 65 -0.57 -4.19 2.37
CA LEU A 65 0.40 -5.13 2.94
C LEU A 65 1.78 -4.50 2.91
N GLY A 66 2.32 -4.20 4.09
CA GLY A 66 3.63 -3.58 4.24
C GLY A 66 3.67 -2.08 4.33
N ALA A 67 3.21 -1.57 5.44
CA ALA A 67 3.06 -0.12 5.60
C ALA A 67 4.38 0.66 5.60
N TYR A 68 5.44 0.07 6.16
CA TYR A 68 6.74 0.72 6.35
C TYR A 68 6.64 1.92 7.29
N CYS A 69 6.72 3.15 6.80
CA CYS A 69 6.59 4.35 7.60
C CYS A 69 5.26 5.05 7.43
N GLY A 70 4.37 4.47 6.61
CA GLY A 70 3.05 5.05 6.46
C GLY A 70 2.90 5.99 5.27
N TYR A 71 3.91 6.13 4.41
CA TYR A 71 3.82 7.03 3.27
C TYR A 71 2.64 6.70 2.39
N SER A 72 2.55 5.46 1.91
CA SER A 72 1.43 5.06 1.08
C SER A 72 0.10 5.07 1.82
N ALA A 73 0.11 4.76 3.11
CA ALA A 73 -1.10 4.85 3.91
C ALA A 73 -1.63 6.30 3.93
N VAL A 74 -0.74 7.28 4.14
CA VAL A 74 -1.13 8.68 4.07
C VAL A 74 -1.63 9.01 2.64
N ARG A 75 -0.93 8.54 1.63
CA ARG A 75 -1.29 8.86 0.26
C ARG A 75 -2.70 8.37 -0.05
N MET A 76 -3.01 7.14 0.29
CA MET A 76 -4.30 6.58 0.02
C MET A 76 -5.37 7.16 0.91
N ALA A 77 -5.12 7.21 2.22
CA ALA A 77 -6.14 7.63 3.16
C ALA A 77 -6.60 9.07 2.93
N ARG A 78 -5.69 9.92 2.46
CA ARG A 78 -6.07 11.32 2.24
C ARG A 78 -7.08 11.48 1.10
N LEU A 79 -7.20 10.48 0.23
CA LEU A 79 -8.07 10.54 -0.93
C LEU A 79 -9.34 9.70 -0.72
N LEU A 80 -9.46 8.99 0.39
CA LEU A 80 -10.65 8.20 0.68
C LEU A 80 -11.82 9.11 1.01
N GLN A 81 -13.01 8.67 0.63
CA GLN A 81 -14.25 9.39 0.92
C GLN A 81 -14.59 9.28 2.39
N PRO A 82 -15.42 10.22 2.91
CA PRO A 82 -15.79 10.13 4.31
C PRO A 82 -16.34 8.74 4.66
N GLY A 83 -15.87 8.18 5.76
CA GLY A 83 -16.37 6.88 6.21
C GLY A 83 -15.63 5.66 5.62
N ALA A 84 -14.87 5.85 4.52
CA ALA A 84 -14.05 4.79 3.91
C ALA A 84 -12.88 4.51 4.82
N ARG A 85 -12.34 3.31 4.73
CA ARG A 85 -11.31 2.85 5.65
C ARG A 85 -10.15 2.13 4.97
N LEU A 86 -8.99 2.27 5.58
CA LEU A 86 -7.77 1.53 5.22
C LEU A 86 -7.35 0.67 6.39
N LEU A 87 -7.05 -0.59 6.11
CA LEU A 87 -6.40 -1.51 7.03
C LEU A 87 -5.01 -1.70 6.46
N THR A 88 -3.99 -1.42 7.27
CA THR A 88 -2.63 -1.55 6.79
C THR A 88 -1.81 -2.43 7.73
N MET A 89 -1.18 -3.44 7.15
CA MET A 89 -0.42 -4.45 7.91
C MET A 89 1.08 -4.13 7.84
N GLU A 90 1.72 -4.20 9.00
CA GLU A 90 3.16 -4.01 9.11
C GLU A 90 3.68 -4.93 10.20
N MET A 91 4.50 -5.89 9.82
CA MET A 91 4.96 -6.91 10.74
C MET A 91 6.12 -6.43 11.63
N ASN A 92 6.87 -5.41 11.23
CA ASN A 92 7.98 -4.89 12.01
C ASN A 92 7.41 -3.94 13.03
N PRO A 93 7.53 -4.25 14.34
CA PRO A 93 6.85 -3.42 15.34
C PRO A 93 7.38 -1.99 15.40
N ASP A 94 8.68 -1.81 15.18
CA ASP A 94 9.24 -0.47 15.17
C ASP A 94 8.66 0.35 14.02
N TYR A 95 8.50 -0.27 12.86
CA TYR A 95 7.91 0.42 11.73
C TYR A 95 6.44 0.64 11.94
N ALA A 96 5.73 -0.30 12.57
CA ALA A 96 4.33 -0.12 12.86
C ALA A 96 4.13 1.10 13.75
N ALA A 97 5.00 1.30 14.75
CA ALA A 97 4.90 2.47 15.62
C ALA A 97 5.17 3.76 14.85
N ILE A 98 6.14 3.74 13.94
CA ILE A 98 6.38 4.91 13.09
C ILE A 98 5.15 5.22 12.24
N THR A 99 4.54 4.19 11.67
CA THR A 99 3.37 4.37 10.82
C THR A 99 2.22 4.99 11.60
N GLN A 100 1.97 4.47 12.81
CA GLN A 100 0.90 5.04 13.62
C GLN A 100 1.15 6.52 13.89
N GLN A 101 2.38 6.86 14.27
CA GLN A 101 2.69 8.24 14.59
C GLN A 101 2.63 9.12 13.36
N MET A 102 2.94 8.58 12.18
CA MET A 102 2.85 9.32 10.93
C MET A 102 1.40 9.65 10.62
N LEU A 103 0.55 8.66 10.76
CA LEU A 103 -0.88 8.85 10.51
C LEU A 103 -1.50 9.82 11.52
N ASN A 104 -1.08 9.73 12.77
CA ASN A 104 -1.52 10.66 13.82
C ASN A 104 -1.13 12.08 13.45
N PHE A 105 0.10 12.30 13.04
CA PHE A 105 0.54 13.63 12.68
C PHE A 105 -0.27 14.17 11.50
N ALA A 106 -0.52 13.30 10.51
CA ALA A 106 -1.27 13.69 9.32
C ALA A 106 -2.77 13.93 9.60
N GLY A 107 -3.26 13.52 10.77
CA GLY A 107 -4.65 13.63 11.13
C GLY A 107 -5.57 12.59 10.49
N LEU A 108 -4.99 11.47 10.07
CA LEU A 108 -5.70 10.42 9.33
C LEU A 108 -5.99 9.17 10.18
N GLN A 109 -5.73 9.25 11.48
CA GLN A 109 -5.83 8.08 12.33
C GLN A 109 -7.23 7.51 12.45
N ASP A 110 -8.26 8.31 12.22
CA ASP A 110 -9.62 7.77 12.28
C ASP A 110 -10.01 6.95 11.03
N LYS A 111 -9.25 7.09 9.96
CA LYS A 111 -9.51 6.39 8.71
C LYS A 111 -8.72 5.12 8.55
N VAL A 112 -7.67 4.92 9.37
CA VAL A 112 -6.72 3.86 9.17
C VAL A 112 -6.54 3.04 10.43
N THR A 113 -6.46 1.72 10.27
CA THR A 113 -6.11 0.81 11.35
C THR A 113 -4.82 0.11 10.98
N ILE A 114 -3.80 0.26 11.84
CA ILE A 114 -2.50 -0.29 11.55
C ILE A 114 -2.43 -1.57 12.29
N LEU A 115 -2.32 -2.71 11.58
CA LEU A 115 -2.24 -4.04 12.15
C LEU A 115 -0.80 -4.51 12.19
N ASN A 116 -0.27 -4.74 13.38
CA ASN A 116 1.12 -5.15 13.54
C ASN A 116 1.20 -6.69 13.56
N GLY A 117 1.45 -7.30 12.42
CA GLY A 117 1.62 -8.76 12.27
C GLY A 117 1.90 -9.12 10.79
N ALA A 118 2.11 -10.40 10.53
CA ALA A 118 2.42 -10.94 9.20
C ALA A 118 1.16 -11.27 8.43
N SER A 119 1.19 -10.97 7.14
CA SER A 119 0.06 -11.24 6.26
C SER A 119 -0.45 -12.67 6.36
N GLN A 120 0.46 -13.64 6.49
CA GLN A 120 0.05 -15.03 6.51
C GLN A 120 -0.78 -15.36 7.76
N ASP A 121 -0.53 -14.63 8.84
CA ASP A 121 -1.25 -14.84 10.07
C ASP A 121 -2.53 -13.99 10.10
N LEU A 122 -2.47 -12.75 9.59
CA LEU A 122 -3.58 -11.83 9.74
C LEU A 122 -4.67 -11.95 8.65
N ILE A 123 -4.29 -12.25 7.41
CA ILE A 123 -5.31 -12.34 6.36
C ILE A 123 -6.44 -13.32 6.73
N PRO A 124 -6.11 -14.51 7.30
CA PRO A 124 -7.20 -15.41 7.69
C PRO A 124 -8.07 -14.89 8.81
N GLN A 125 -7.64 -13.85 9.52
CA GLN A 125 -8.42 -13.26 10.63
C GLN A 125 -9.28 -12.08 10.21
N LEU A 126 -9.10 -11.57 8.98
CA LEU A 126 -9.77 -10.34 8.60
C LEU A 126 -11.31 -10.39 8.74
N LYS A 127 -11.92 -11.49 8.30
CA LYS A 127 -13.39 -11.56 8.34
C LYS A 127 -13.93 -11.52 9.76
N LYS A 128 -13.48 -12.44 10.58
CA LYS A 128 -14.02 -12.59 11.92
C LYS A 128 -13.53 -11.46 12.85
N LYS A 129 -12.23 -11.23 12.88
CA LYS A 129 -11.65 -10.28 13.83
C LYS A 129 -11.82 -8.80 13.44
N TYR A 130 -11.79 -8.49 12.14
CA TYR A 130 -11.83 -7.08 11.68
C TYR A 130 -13.09 -6.75 10.90
N ASP A 131 -14.07 -7.68 10.96
CA ASP A 131 -15.42 -7.48 10.41
CA ASP A 131 -15.40 -7.49 10.42
C ASP A 131 -15.40 -7.22 8.91
N VAL A 132 -14.43 -7.80 8.20
CA VAL A 132 -14.37 -7.58 6.76
C VAL A 132 -15.29 -8.56 6.06
N ASP A 133 -16.02 -8.09 5.04
CA ASP A 133 -16.72 -8.93 4.12
C ASP A 133 -15.79 -9.19 2.94
N THR A 134 -15.74 -8.27 1.97
CA THR A 134 -14.79 -8.31 0.89
C THR A 134 -14.07 -6.98 0.76
N LEU A 135 -12.89 -7.01 0.15
CA LEU A 135 -12.03 -5.87 -0.02
C LEU A 135 -12.32 -5.20 -1.35
N ASP A 136 -12.30 -3.88 -1.38
CA ASP A 136 -12.42 -3.14 -2.65
C ASP A 136 -11.12 -2.99 -3.39
N MET A 137 -10.03 -2.88 -2.63
CA MET A 137 -8.71 -2.68 -3.22
CA MET A 137 -8.72 -2.67 -3.20
C MET A 137 -7.67 -3.20 -2.25
N VAL A 138 -6.58 -3.71 -2.82
CA VAL A 138 -5.44 -4.21 -2.04
C VAL A 138 -4.19 -3.58 -2.62
N PHE A 139 -3.35 -2.98 -1.78
CA PHE A 139 -2.02 -2.49 -2.20
C PHE A 139 -0.95 -3.42 -1.64
N LEU A 140 -0.24 -4.07 -2.53
CA LEU A 140 0.79 -5.04 -2.19
CA LEU A 140 0.79 -5.04 -2.18
C LEU A 140 2.15 -4.34 -2.21
N ASP A 141 2.82 -4.31 -1.05
CA ASP A 141 4.10 -3.63 -0.94
C ASP A 141 5.02 -4.28 0.09
N HIS A 142 4.78 -5.56 0.38
CA HIS A 142 5.53 -6.29 1.39
C HIS A 142 6.62 -7.12 0.72
N TRP A 143 7.06 -8.21 1.32
CA TRP A 143 8.11 -9.02 0.68
C TRP A 143 7.66 -9.44 -0.71
N LYS A 144 8.53 -9.28 -1.71
CA LYS A 144 8.11 -9.50 -3.09
C LYS A 144 7.74 -10.95 -3.36
N ASP A 145 8.35 -11.88 -2.61
CA ASP A 145 7.99 -13.31 -2.73
C ASP A 145 6.70 -13.68 -2.06
N ARG A 146 6.02 -12.70 -1.45
CA ARG A 146 4.72 -12.93 -0.85
C ARG A 146 3.53 -12.45 -1.70
N TYR A 147 3.79 -11.73 -2.78
CA TYR A 147 2.68 -11.16 -3.57
C TYR A 147 1.79 -12.30 -4.07
N LEU A 148 2.39 -13.31 -4.70
CA LEU A 148 1.59 -14.41 -5.21
C LEU A 148 0.92 -15.23 -4.10
N PRO A 149 1.67 -15.74 -3.09
CA PRO A 149 0.97 -16.54 -2.08
C PRO A 149 -0.15 -15.75 -1.39
N ASP A 150 0.05 -14.47 -1.12
CA ASP A 150 -0.99 -13.73 -0.44
C ASP A 150 -2.19 -13.43 -1.34
N THR A 151 -1.96 -13.22 -2.63
CA THR A 151 -3.08 -13.12 -3.56
C THR A 151 -3.95 -14.38 -3.51
N LEU A 152 -3.31 -15.54 -3.53
CA LEU A 152 -4.01 -16.82 -3.48
C LEU A 152 -4.69 -17.04 -2.13
N LEU A 153 -4.06 -16.58 -1.04
CA LEU A 153 -4.66 -16.65 0.28
C LEU A 153 -5.88 -15.74 0.42
N LEU A 154 -5.78 -14.53 -0.11
CA LEU A 154 -6.93 -13.63 -0.10
C LEU A 154 -8.11 -14.27 -0.83
N GLU A 155 -7.84 -14.93 -1.98
CA GLU A 155 -8.91 -15.60 -2.69
C GLU A 155 -9.51 -16.74 -1.86
N LYS A 156 -8.64 -17.58 -1.28
CA LYS A 156 -9.09 -18.72 -0.49
C LYS A 156 -10.00 -18.27 0.63
N CYS A 157 -9.62 -17.17 1.27
CA CYS A 157 -10.36 -16.64 2.42
C CYS A 157 -11.62 -15.89 2.04
N GLY A 158 -11.96 -15.82 0.76
CA GLY A 158 -13.20 -15.19 0.34
C GLY A 158 -13.19 -13.67 0.45
N LEU A 159 -12.01 -13.08 0.40
CA LEU A 159 -11.85 -11.63 0.59
C LEU A 159 -11.90 -10.84 -0.73
N LEU A 160 -11.87 -11.51 -1.88
CA LEU A 160 -11.94 -10.85 -3.17
C LEU A 160 -13.35 -10.96 -3.71
N ARG A 161 -13.79 -9.92 -4.41
CA ARG A 161 -15.04 -9.94 -5.14
C ARG A 161 -14.78 -9.52 -6.60
N LYS A 162 -15.79 -9.67 -7.45
CA LYS A 162 -15.69 -9.22 -8.81
C LYS A 162 -15.39 -7.73 -8.77
N GLY A 163 -14.29 -7.34 -9.38
CA GLY A 163 -13.89 -5.93 -9.40
C GLY A 163 -12.88 -5.51 -8.34
N THR A 164 -12.53 -6.37 -7.42
CA THR A 164 -11.50 -5.97 -6.44
C THR A 164 -10.23 -5.61 -7.19
N VAL A 165 -9.65 -4.47 -6.85
CA VAL A 165 -8.45 -3.96 -7.51
C VAL A 165 -7.21 -4.36 -6.69
N LEU A 166 -6.33 -5.15 -7.27
CA LEU A 166 -5.00 -5.34 -6.65
C LEU A 166 -4.06 -4.35 -7.33
N LEU A 167 -3.27 -3.64 -6.54
CA LEU A 167 -2.27 -2.73 -7.06
C LEU A 167 -0.95 -3.11 -6.40
N ALA A 168 0.03 -3.47 -7.20
CA ALA A 168 1.28 -4.06 -6.74
C ALA A 168 2.48 -3.18 -7.02
N ASP A 169 3.22 -2.80 -5.96
CA ASP A 169 4.45 -2.04 -6.14
C ASP A 169 5.61 -2.92 -6.54
N ASN A 170 6.62 -2.33 -7.20
CA ASN A 170 7.92 -3.02 -7.35
C ASN A 170 7.89 -4.21 -8.24
N VAL A 171 6.99 -4.23 -9.23
CA VAL A 171 6.90 -5.41 -10.05
C VAL A 171 8.10 -5.57 -10.98
N ILE A 172 8.90 -4.49 -11.14
CA ILE A 172 10.14 -4.53 -11.93
C ILE A 172 11.36 -4.58 -11.01
N VAL A 173 11.45 -3.70 -10.01
CA VAL A 173 12.58 -3.66 -9.10
C VAL A 173 12.00 -3.52 -7.68
N PRO A 174 12.30 -4.48 -6.76
CA PRO A 174 13.11 -5.68 -6.98
C PRO A 174 12.52 -6.73 -7.93
N GLY A 175 11.22 -6.62 -8.23
CA GLY A 175 10.55 -7.53 -9.10
C GLY A 175 9.74 -8.57 -8.39
N THR A 176 8.68 -8.99 -9.05
CA THR A 176 7.80 -10.01 -8.53
CA THR A 176 7.75 -10.00 -8.53
C THR A 176 7.41 -10.96 -9.68
N PRO A 177 8.38 -11.72 -10.18
CA PRO A 177 8.12 -12.42 -11.46
C PRO A 177 7.03 -13.49 -11.40
N ASP A 178 6.94 -14.22 -10.30
CA ASP A 178 5.90 -15.24 -10.21
C ASP A 178 4.50 -14.63 -10.16
N PHE A 179 4.34 -13.58 -9.37
CA PHE A 179 3.07 -12.88 -9.27
C PHE A 179 2.69 -12.35 -10.67
N LEU A 180 3.63 -11.66 -11.36
CA LEU A 180 3.29 -11.09 -12.69
C LEU A 180 2.87 -12.16 -13.66
N ALA A 181 3.66 -13.24 -13.73
CA ALA A 181 3.34 -14.31 -14.66
C ALA A 181 1.97 -14.87 -14.36
N TYR A 182 1.69 -15.06 -13.09
CA TYR A 182 0.43 -15.66 -12.67
C TYR A 182 -0.75 -14.78 -13.05
N VAL A 183 -0.76 -13.53 -12.56
CA VAL A 183 -1.95 -12.69 -12.79
C VAL A 183 -2.13 -12.43 -14.29
N ARG A 184 -1.06 -12.20 -15.02
CA ARG A 184 -1.16 -11.90 -16.46
C ARG A 184 -1.63 -13.09 -17.27
N GLY A 185 -1.40 -14.29 -16.75
CA GLY A 185 -1.85 -15.50 -17.43
C GLY A 185 -3.17 -16.07 -17.00
N SER A 186 -3.76 -15.50 -15.97
CA SER A 186 -4.97 -16.02 -15.37
C SER A 186 -6.22 -15.31 -15.87
N SER A 187 -7.23 -16.09 -16.28
CA SER A 187 -8.49 -15.50 -16.71
CA SER A 187 -8.49 -15.50 -16.72
C SER A 187 -9.24 -14.86 -15.56
N SER A 188 -8.81 -15.08 -14.32
CA SER A 188 -9.43 -14.46 -13.16
C SER A 188 -8.93 -13.03 -12.89
N PHE A 189 -7.97 -12.54 -13.68
CA PHE A 189 -7.48 -11.18 -13.49
C PHE A 189 -7.42 -10.43 -14.80
N GLU A 190 -7.76 -9.14 -14.74
CA GLU A 190 -7.55 -8.25 -15.86
CA GLU A 190 -7.54 -8.25 -15.87
C GLU A 190 -6.41 -7.30 -15.46
N CYS A 191 -5.30 -7.36 -16.16
CA CYS A 191 -4.07 -6.67 -15.74
C CYS A 191 -3.68 -5.50 -16.63
N THR A 192 -3.12 -4.49 -15.98
CA THR A 192 -2.59 -3.32 -16.62
C THR A 192 -1.26 -2.96 -15.94
N HIS A 193 -0.23 -2.68 -16.73
CA HIS A 193 1.05 -2.24 -16.24
C HIS A 193 1.18 -0.74 -16.41
N TYR A 194 1.67 -0.12 -15.34
CA TYR A 194 1.93 1.34 -15.26
C TYR A 194 3.43 1.53 -15.06
N SER A 195 4.14 1.81 -16.16
CA SER A 195 5.59 1.99 -16.07
C SER A 195 5.94 3.30 -15.39
N SER A 196 6.92 3.29 -14.49
CA SER A 196 7.29 4.46 -13.74
C SER A 196 8.75 4.35 -13.34
N TYR A 197 9.07 4.85 -12.15
CA TYR A 197 10.45 4.88 -11.65
C TYR A 197 10.44 4.48 -10.20
N LEU A 198 11.52 3.77 -9.84
CA LEU A 198 11.78 3.44 -8.46
C LEU A 198 11.82 4.74 -7.66
N GLU A 199 11.28 4.71 -6.45
CA GLU A 199 11.25 5.87 -5.58
C GLU A 199 12.63 6.52 -5.48
N TYR A 200 12.65 7.81 -5.76
CA TYR A 200 13.82 8.67 -5.55
C TYR A 200 14.99 8.35 -6.42
N MET A 201 14.78 7.56 -7.50
CA MET A 201 15.90 7.07 -8.32
C MET A 201 15.55 7.13 -9.79
N LYS A 202 16.58 7.25 -10.63
CA LYS A 202 16.43 7.21 -12.07
C LYS A 202 16.65 5.75 -12.47
N VAL A 203 15.73 4.90 -12.06
CA VAL A 203 15.71 3.48 -12.31
C VAL A 203 14.25 3.11 -12.65
N VAL A 204 14.02 2.39 -13.74
CA VAL A 204 12.68 2.01 -14.13
C VAL A 204 12.09 1.06 -13.08
N ASP A 205 10.85 1.32 -12.71
CA ASP A 205 10.05 0.37 -11.94
C ASP A 205 8.63 0.46 -12.50
N GLY A 206 7.67 -0.18 -11.88
CA GLY A 206 6.29 -0.05 -12.29
C GLY A 206 5.34 -0.61 -11.28
N LEU A 207 4.08 -0.22 -11.42
CA LEU A 207 2.97 -0.79 -10.71
C LEU A 207 2.19 -1.70 -11.61
N GLU A 208 1.68 -2.82 -11.08
CA GLU A 208 0.70 -3.65 -11.82
C GLU A 208 -0.66 -3.51 -11.15
N LYS A 209 -1.69 -3.26 -11.95
CA LYS A 209 -3.04 -3.33 -11.49
C LYS A 209 -3.60 -4.66 -12.01
N ALA A 210 -4.21 -5.42 -11.12
CA ALA A 210 -4.79 -6.71 -11.47
C ALA A 210 -6.18 -6.72 -10.87
N ILE A 211 -7.20 -6.65 -11.73
CA ILE A 211 -8.59 -6.60 -11.29
C ILE A 211 -9.18 -8.00 -11.25
N TYR A 212 -9.60 -8.43 -10.06
CA TYR A 212 -10.15 -9.77 -9.94
C TYR A 212 -11.50 -9.88 -10.62
N GLN A 213 -11.66 -10.95 -11.38
CA GLN A 213 -12.87 -11.21 -12.17
C GLN A 213 -13.74 -12.31 -11.64
N GLY A 214 -13.41 -12.91 -10.52
CA GLY A 214 -14.28 -13.96 -9.92
C GLY A 214 -13.58 -15.29 -10.20
N PRO A 215 -14.07 -16.41 -9.61
CA PRO A 215 -13.39 -17.71 -9.86
C PRO A 215 -13.57 -18.26 -11.27
MG MG B . 7.66 -0.74 -2.54
N3 77H C . 4.69 -6.10 6.78
C4 77H C . 3.35 -8.23 6.58
C5 77H C . 5.57 -7.89 5.75
C7 77H C . 5.92 -5.81 6.38
C8 77H C . 10.12 -1.96 -1.58
C13 77H C . 10.52 -0.98 -2.48
C17 77H C . 14.17 -1.78 -3.03
C20 77H C . 14.44 -1.42 -4.36
C21 77H C . 15.22 -2.12 -2.19
C24 77H C . 16.77 -1.63 -3.94
C26 77H C . 15.74 -1.32 -4.82
C28 77H C . 7.87 -7.01 5.21
C1 77H C . 4.44 -7.39 6.43
C2 77H C . 11.06 -2.92 -1.13
N6 77H C . 6.50 -6.90 5.73
C9 77H C . 12.36 -2.82 -1.64
N10 77H C . 3.47 -9.49 6.15
C11 77H C . 10.73 -4.00 -0.16
C12 77H C . 12.75 -1.85 -2.54
C14 77H C . 4.56 -9.96 5.51
N15 77H C . 5.62 -9.16 5.31
C16 77H C . 11.82 -0.91 -2.94
O18 77H C . 11.59 -4.87 0.10
N19 77H C . 9.54 -3.98 0.46
O22 77H C . 8.81 -1.96 -1.21
O23 77H C . 9.59 -0.07 -2.90
C25 77H C . 16.51 -2.05 -2.65
F27 77H C . 18.04 -1.55 -4.38
C29 77H C . 9.22 -5.00 1.49
C30 77H C . 8.12 -5.85 4.22
C31 77H C . 9.86 -4.67 2.86
C32 77H C . 9.59 -5.81 3.88
N33 77H C . 4.61 -11.28 5.12
S1 D1D D . 17.49 1.92 -4.39
C1 D1D D . 18.34 1.41 -2.93
C2 D1D D . 19.26 2.46 -2.34
O2 D1D D . 19.60 2.13 -0.96
C3 D1D D . 20.53 2.74 -3.16
O3 D1D D . 21.12 3.82 -2.49
C4 D1D D . 20.29 3.22 -4.57
S4 D1D D . 19.21 2.16 -5.47
C3' NHE E . 18.50 1.65 -2.77
C2' NHE E . 19.18 2.78 -2.00
C1' NHE E . 20.57 3.08 -2.55
C6' NHE E . 20.40 3.26 -4.09
N NHE E . 21.30 4.18 -1.84
C1 NHE E . 21.02 4.88 -0.55
C2 NHE E . 22.03 5.47 0.50
S NHE E . 21.99 7.11 1.02
O1 NHE E . 20.70 7.70 0.57
O2 NHE E . 23.15 7.75 0.39
O3 NHE E . 22.39 7.36 2.40
C5' NHE E . 19.43 2.33 -4.88
C4' NHE E . 18.10 2.05 -4.17
CL CL F . 5.24 3.49 1.32
CL CL G . 9.96 9.54 -6.64
S SO4 H . -14.45 10.02 8.39
O1 SO4 H . -15.62 10.78 7.88
O2 SO4 H . -13.95 9.15 7.30
O3 SO4 H . -13.36 10.96 8.82
O4 SO4 H . -14.95 9.17 9.52
S SO4 I . 19.94 3.10 10.74
O1 SO4 I . 18.51 2.95 10.25
O2 SO4 I . 20.77 2.60 9.62
O3 SO4 I . 20.13 2.25 11.98
O4 SO4 I . 20.50 4.48 11.08
#